data_5D4P
#
_entry.id   5D4P
#
_cell.length_a   49.810
_cell.length_b   76.160
_cell.length_c   87.920
_cell.angle_alpha   90.000
_cell.angle_beta   90.000
_cell.angle_gamma   90.000
#
_symmetry.space_group_name_H-M   'P 21 21 21'
#
loop_
_entity.id
_entity.type
_entity.pdbx_description
1 polymer 'Putative Nitrogen regulatory protein P-II GlnB'
2 non-polymer "ADENOSINE-5'-DIPHOSPHATE"
3 non-polymer 'BICARBONATE ION'
4 water water
#
_entity_poly.entity_id   1
_entity_poly.type   'polypeptide(L)'
_entity_poly.pdbx_seq_one_letter_code
;MNAIKLYPLKKLEIILEGAHKEFATDLLDRAGVKGYTIVGNLSGKGSHGMYEGHLMFNEDDALIMIIAAVPEELVGPLLE
GFQPFFEAHSGVVFVHDIQVGRPIKFRN
;
_entity_poly.pdbx_strand_id   A,B,C
#
loop_
_chem_comp.id
_chem_comp.type
_chem_comp.name
_chem_comp.formula
ADP non-polymer ADENOSINE-5'-DIPHOSPHATE 'C10 H15 N5 O10 P2'
BCT non-polymer 'BICARBONATE ION' 'C H O3 -1'
#
# COMPACT_ATOMS: atom_id res chain seq x y z
N ALA A 3 15.21 -21.60 -2.30
CA ALA A 3 14.85 -22.41 -1.15
C ALA A 3 13.35 -22.32 -0.85
N ILE A 4 12.82 -21.10 -0.80
CA ILE A 4 11.40 -20.87 -0.54
C ILE A 4 10.65 -20.48 -1.82
N LYS A 5 9.80 -21.37 -2.30
CA LYS A 5 9.13 -21.16 -3.58
C LYS A 5 8.04 -20.10 -3.52
N LEU A 6 7.95 -19.31 -4.57
CA LEU A 6 6.96 -18.26 -4.66
C LEU A 6 6.02 -18.51 -5.83
N TYR A 7 4.80 -18.01 -5.72
CA TYR A 7 3.78 -18.19 -6.75
C TYR A 7 3.24 -16.83 -7.16
N PRO A 8 2.86 -16.70 -8.45
CA PRO A 8 2.34 -15.44 -8.99
C PRO A 8 0.88 -15.16 -8.58
N LEU A 9 0.59 -13.89 -8.29
CA LEU A 9 -0.75 -13.43 -7.95
C LEU A 9 -0.92 -12.01 -8.43
N LYS A 10 -2.16 -11.52 -8.43
CA LYS A 10 -2.40 -10.11 -8.71
C LYS A 10 -2.90 -9.44 -7.44
N LYS A 11 -2.61 -8.16 -7.30
CA LYS A 11 -3.13 -7.42 -6.16
C LYS A 11 -3.79 -6.12 -6.60
N LEU A 12 -5.04 -5.96 -6.19
CA LEU A 12 -5.81 -4.76 -6.47
C LEU A 12 -5.77 -3.81 -5.30
N GLU A 13 -5.57 -2.53 -5.64
CA GLU A 13 -5.82 -1.44 -4.71
C GLU A 13 -6.99 -0.64 -5.25
N ILE A 14 -8.07 -0.61 -4.48
CA ILE A 14 -9.32 0.02 -4.92
C ILE A 14 -9.60 1.21 -4.01
N ILE A 15 -9.41 2.42 -4.54
CA ILE A 15 -9.61 3.65 -3.76
C ILE A 15 -10.95 4.28 -4.11
N LEU A 16 -11.78 4.45 -3.08
CA LEU A 16 -13.12 4.97 -3.28
C LEU A 16 -13.65 5.52 -1.96
N GLU A 17 -14.83 6.15 -2.05
CA GLU A 17 -15.53 6.74 -0.91
C GLU A 17 -16.04 5.68 0.05
N GLY A 18 -15.94 5.95 1.35
CA GLY A 18 -16.36 5.01 2.39
C GLY A 18 -17.82 4.58 2.32
N ALA A 19 -18.65 5.45 1.78
CA ALA A 19 -20.08 5.18 1.66
C ALA A 19 -20.34 3.93 0.83
N HIS A 20 -19.40 3.58 -0.04
CA HIS A 20 -19.61 2.47 -0.94
C HIS A 20 -18.83 1.20 -0.56
N LYS A 21 -18.44 1.10 0.72
CA LYS A 21 -17.64 -0.04 1.18
C LYS A 21 -18.32 -1.38 0.89
N GLU A 22 -19.62 -1.44 1.21
CA GLU A 22 -20.42 -2.67 1.13
C GLU A 22 -20.60 -3.15 -0.31
N PHE A 23 -20.87 -2.21 -1.21
CA PHE A 23 -20.94 -2.51 -2.62
C PHE A 23 -19.63 -3.15 -3.10
N ALA A 24 -18.52 -2.55 -2.69
CA ALA A 24 -17.20 -3.00 -3.12
C ALA A 24 -16.89 -4.40 -2.58
N THR A 25 -17.14 -4.60 -1.29
CA THR A 25 -16.82 -5.87 -0.66
C THR A 25 -17.80 -6.98 -1.10
N ASP A 26 -19.05 -6.59 -1.38
CA ASP A 26 -20.03 -7.54 -1.97
C ASP A 26 -19.50 -8.06 -3.29
N LEU A 27 -19.00 -7.16 -4.13
CA LEU A 27 -18.48 -7.55 -5.43
C LEU A 27 -17.28 -8.49 -5.28
N LEU A 28 -16.37 -8.17 -4.37
CA LEU A 28 -15.20 -9.03 -4.15
C LEU A 28 -15.67 -10.41 -3.68
N ASP A 29 -16.60 -10.43 -2.73
CA ASP A 29 -17.14 -11.67 -2.23
C ASP A 29 -17.81 -12.51 -3.31
N ARG A 30 -18.67 -11.87 -4.11
CA ARG A 30 -19.43 -12.57 -5.14
C ARG A 30 -18.49 -13.24 -6.14
N ALA A 31 -17.39 -12.56 -6.46
CA ALA A 31 -16.41 -13.09 -7.41
C ALA A 31 -15.59 -14.21 -6.80
N GLY A 32 -15.68 -14.38 -5.48
CA GLY A 32 -14.97 -15.47 -4.82
C GLY A 32 -13.61 -15.10 -4.26
N VAL A 33 -13.38 -13.80 -4.04
CA VAL A 33 -12.16 -13.35 -3.38
C VAL A 33 -12.13 -13.84 -1.94
N LYS A 34 -11.00 -14.42 -1.52
CA LYS A 34 -10.93 -15.09 -0.21
C LYS A 34 -10.56 -14.17 0.95
N GLY A 35 -10.16 -12.95 0.63
CA GLY A 35 -9.81 -11.98 1.65
C GLY A 35 -9.55 -10.61 1.06
N TYR A 36 -9.54 -9.61 1.91
CA TYR A 36 -9.19 -8.25 1.51
C TYR A 36 -8.86 -7.41 2.74
N THR A 37 -8.16 -6.30 2.51
CA THR A 37 -7.76 -5.43 3.60
C THR A 37 -8.26 -4.01 3.32
N ILE A 38 -8.85 -3.38 4.34
CA ILE A 38 -9.39 -2.06 4.15
C ILE A 38 -8.56 -1.05 4.95
N VAL A 39 -7.99 -0.08 4.25
CA VAL A 39 -7.24 1.01 4.86
C VAL A 39 -8.09 2.28 4.96
N GLY A 40 -8.36 2.72 6.19
CA GLY A 40 -9.19 3.89 6.46
C GLY A 40 -8.33 5.12 6.76
N ASN A 41 -8.96 6.23 7.15
CA ASN A 41 -8.21 7.43 7.54
C ASN A 41 -7.33 7.94 6.39
N LEU A 42 -7.97 8.16 5.24
CA LEU A 42 -7.29 8.67 4.07
C LEU A 42 -7.71 10.10 3.72
N SER A 43 -6.79 10.84 3.12
CA SER A 43 -7.18 12.06 2.41
C SER A 43 -6.72 11.91 0.97
N GLY A 44 -7.09 12.83 0.10
CA GLY A 44 -6.64 12.76 -1.27
C GLY A 44 -7.14 13.89 -2.14
N LYS A 45 -6.54 14.01 -3.31
CA LYS A 45 -6.97 15.00 -4.29
C LYS A 45 -7.41 14.29 -5.56
N GLY A 46 -8.58 14.62 -6.05
CA GLY A 46 -9.04 14.05 -7.30
C GLY A 46 -9.11 15.11 -8.37
N SER A 47 -9.66 14.75 -9.52
CA SER A 47 -9.78 15.67 -10.65
C SER A 47 -10.67 16.89 -10.34
N HIS A 48 -11.60 16.74 -9.40
CA HIS A 48 -12.60 17.76 -9.16
C HIS A 48 -12.61 18.29 -7.72
N GLY A 49 -12.23 17.46 -6.76
CA GLY A 49 -12.28 17.88 -5.37
C GLY A 49 -11.17 17.38 -4.46
N MET A 50 -11.20 17.88 -3.22
CA MET A 50 -10.27 17.44 -2.18
C MET A 50 -11.04 16.51 -1.25
N TYR A 51 -10.40 15.43 -0.81
CA TYR A 51 -10.99 14.58 0.22
C TYR A 51 -10.20 14.71 1.50
N GLU A 52 -10.77 15.44 2.47
CA GLU A 52 -10.11 15.68 3.74
C GLU A 52 -10.39 14.59 4.77
N GLY A 53 -9.33 13.95 5.25
CA GLY A 53 -9.42 12.94 6.28
C GLY A 53 -9.76 13.49 7.65
N HIS A 54 -10.47 12.71 8.45
CA HIS A 54 -10.82 13.10 9.81
C HIS A 54 -9.58 13.15 10.70
N LEU A 55 -9.65 13.92 11.79
CA LEU A 55 -8.53 14.03 12.71
C LEU A 55 -8.56 12.95 13.79
N MET A 56 -9.67 12.21 13.88
CA MET A 56 -9.81 11.17 14.91
C MET A 56 -9.79 9.76 14.30
N ASP A 60 -16.78 7.37 9.82
CA ASP A 60 -15.66 8.27 10.11
C ASP A 60 -14.74 8.38 8.90
N ASP A 61 -14.58 7.24 8.21
CA ASP A 61 -13.71 7.14 7.03
C ASP A 61 -14.42 7.55 5.74
N ALA A 62 -14.07 8.71 5.22
CA ALA A 62 -14.72 9.25 4.04
C ALA A 62 -14.12 8.66 2.77
N LEU A 63 -12.81 8.58 2.71
CA LEU A 63 -12.11 7.89 1.63
C LEU A 63 -11.47 6.59 2.15
N ILE A 64 -11.57 5.48 1.41
CA ILE A 64 -10.90 4.22 1.81
C ILE A 64 -10.11 3.56 0.68
N MET A 65 -9.16 2.69 1.06
CA MET A 65 -8.44 1.87 0.09
C MET A 65 -8.60 0.39 0.44
N ILE A 66 -9.09 -0.37 -0.52
CA ILE A 66 -9.27 -1.80 -0.34
C ILE A 66 -8.15 -2.50 -1.09
N ILE A 67 -7.38 -3.30 -0.36
CA ILE A 67 -6.31 -4.11 -0.93
C ILE A 67 -6.86 -5.53 -1.08
N ALA A 68 -6.83 -6.07 -2.29
CA ALA A 68 -7.33 -7.43 -2.50
C ALA A 68 -6.39 -8.21 -3.40
N ALA A 69 -5.76 -9.24 -2.82
CA ALA A 69 -4.87 -10.15 -3.56
C ALA A 69 -5.74 -11.21 -4.17
N VAL A 70 -5.69 -11.34 -5.48
CA VAL A 70 -6.59 -12.24 -6.18
C VAL A 70 -5.86 -12.97 -7.29
N PRO A 71 -6.29 -14.23 -7.59
CA PRO A 71 -5.72 -14.98 -8.72
C PRO A 71 -5.97 -14.24 -10.01
N GLU A 72 -5.08 -14.42 -10.98
CA GLU A 72 -5.14 -13.68 -12.23
C GLU A 72 -6.50 -13.82 -12.89
N GLU A 73 -7.08 -15.02 -12.81
CA GLU A 73 -8.34 -15.31 -13.50
C GLU A 73 -9.49 -14.42 -13.01
N LEU A 74 -9.33 -13.81 -11.85
CA LEU A 74 -10.39 -12.98 -11.27
C LEU A 74 -10.36 -11.49 -11.68
N VAL A 75 -9.22 -11.02 -12.17
CA VAL A 75 -9.07 -9.60 -12.49
C VAL A 75 -10.08 -9.08 -13.51
N GLY A 76 -10.26 -9.83 -14.60
CA GLY A 76 -11.23 -9.46 -15.62
C GLY A 76 -12.64 -9.26 -15.07
N PRO A 77 -13.19 -10.29 -14.41
CA PRO A 77 -14.53 -10.23 -13.83
C PRO A 77 -14.69 -9.11 -12.80
N LEU A 78 -13.65 -8.91 -11.99
CA LEU A 78 -13.69 -7.84 -11.01
C LEU A 78 -13.74 -6.47 -11.70
N LEU A 79 -12.88 -6.25 -12.69
CA LEU A 79 -12.88 -4.96 -13.38
C LEU A 79 -14.21 -4.73 -14.10
N GLU A 80 -14.81 -5.79 -14.63
CA GLU A 80 -16.12 -5.63 -15.25
C GLU A 80 -17.11 -5.16 -14.21
N GLY A 81 -17.03 -5.73 -13.02
CA GLY A 81 -17.93 -5.37 -11.95
C GLY A 81 -17.76 -3.92 -11.51
N PHE A 82 -16.51 -3.47 -11.47
CA PHE A 82 -16.21 -2.12 -11.02
C PHE A 82 -16.35 -1.05 -12.11
N GLN A 83 -16.43 -1.46 -13.38
CA GLN A 83 -16.48 -0.49 -14.47
C GLN A 83 -17.67 0.48 -14.41
N PRO A 84 -18.90 -0.07 -14.28
CA PRO A 84 -20.07 0.83 -14.21
C PRO A 84 -19.99 1.73 -12.99
N PHE A 85 -19.41 1.22 -11.91
CA PHE A 85 -19.30 1.98 -10.68
C PHE A 85 -18.41 3.22 -10.84
N PHE A 86 -17.17 3.03 -11.31
CA PHE A 86 -16.25 4.15 -11.44
C PHE A 86 -16.60 5.00 -12.63
N GLU A 87 -17.56 4.53 -13.43
CA GLU A 87 -18.10 5.32 -14.51
C GLU A 87 -18.96 6.44 -13.95
N ALA A 88 -19.56 6.17 -12.80
CA ALA A 88 -20.50 7.09 -12.17
C ALA A 88 -19.94 7.74 -10.90
N HIS A 89 -18.91 7.13 -10.30
CA HIS A 89 -18.39 7.55 -9.00
C HIS A 89 -16.89 7.80 -9.01
N SER A 90 -16.42 8.53 -7.99
CA SER A 90 -15.01 8.86 -7.84
C SER A 90 -14.16 7.67 -7.40
N GLY A 91 -12.87 7.71 -7.74
CA GLY A 91 -11.94 6.67 -7.32
C GLY A 91 -11.16 6.00 -8.44
N VAL A 92 -10.23 5.12 -8.06
CA VAL A 92 -9.35 4.45 -9.01
C VAL A 92 -9.03 3.04 -8.57
N VAL A 93 -8.65 2.20 -9.53
CA VAL A 93 -8.21 0.85 -9.26
C VAL A 93 -6.80 0.67 -9.78
N PHE A 94 -5.90 0.21 -8.91
CA PHE A 94 -4.54 -0.12 -9.34
C PHE A 94 -4.34 -1.66 -9.38
N VAL A 95 -3.89 -2.17 -10.50
CA VAL A 95 -3.57 -3.58 -10.59
C VAL A 95 -2.07 -3.84 -10.46
N HIS A 96 -1.64 -4.64 -9.48
CA HIS A 96 -0.22 -5.02 -9.33
C HIS A 96 0.04 -6.49 -9.66
N ASP A 97 1.25 -6.79 -10.13
CA ASP A 97 1.78 -8.14 -10.04
C ASP A 97 2.50 -8.35 -8.70
N ILE A 98 2.13 -9.40 -7.98
CA ILE A 98 2.84 -9.75 -6.75
C ILE A 98 3.19 -11.24 -6.73
N GLN A 99 3.93 -11.63 -5.69
CA GLN A 99 4.21 -13.03 -5.41
C GLN A 99 3.81 -13.39 -4.00
N VAL A 100 3.33 -14.62 -3.81
CA VAL A 100 2.95 -15.10 -2.49
C VAL A 100 3.53 -16.50 -2.27
N GLY A 101 3.53 -16.96 -1.03
CA GLY A 101 4.05 -18.28 -0.68
C GLY A 101 3.00 -19.40 -0.60
N ARG A 102 1.73 -19.04 -0.42
CA ARG A 102 0.65 -20.00 -0.18
C ARG A 102 -0.50 -19.82 -1.16
N PRO A 103 -0.42 -20.44 -2.34
CA PRO A 103 -1.46 -20.27 -3.36
C PRO A 103 -2.92 -20.59 -2.93
N ILE A 104 -3.15 -21.66 -2.15
CA ILE A 104 -4.51 -22.07 -1.76
C ILE A 104 -5.13 -21.07 -0.77
N LYS A 105 -4.30 -20.28 -0.10
CA LYS A 105 -4.84 -19.28 0.81
C LYS A 105 -5.62 -18.21 0.04
N PHE A 106 -5.34 -18.10 -1.26
CA PHE A 106 -5.98 -17.04 -2.04
C PHE A 106 -6.99 -17.48 -3.10
N ARG A 107 -7.20 -18.79 -3.24
CA ARG A 107 -8.24 -19.31 -4.14
C ARG A 107 -8.90 -20.51 -3.51
N ILE B 4 18.58 10.45 -13.45
CA ILE B 4 18.34 9.74 -12.19
C ILE B 4 18.17 8.24 -12.41
N LYS B 5 19.16 7.46 -11.99
CA LYS B 5 19.15 6.03 -12.19
C LYS B 5 18.22 5.34 -11.19
N LEU B 6 17.52 4.32 -11.65
CA LEU B 6 16.66 3.56 -10.76
C LEU B 6 17.24 2.16 -10.61
N TYR B 7 16.99 1.54 -9.47
CA TYR B 7 17.55 0.22 -9.20
C TYR B 7 16.47 -0.70 -8.67
N PRO B 8 16.55 -1.99 -9.01
CA PRO B 8 15.57 -2.99 -8.59
C PRO B 8 15.67 -3.35 -7.11
N LEU B 9 14.52 -3.50 -6.49
CA LEU B 9 14.45 -3.93 -5.10
C LEU B 9 13.17 -4.71 -4.91
N LYS B 10 13.00 -5.28 -3.73
CA LYS B 10 11.72 -5.89 -3.39
C LYS B 10 11.07 -5.11 -2.27
N LYS B 11 9.75 -5.14 -2.23
CA LYS B 11 9.00 -4.58 -1.13
C LYS B 11 8.00 -5.58 -0.58
N LEU B 12 8.06 -5.80 0.73
CA LEU B 12 7.13 -6.68 1.41
C LEU B 12 5.97 -5.90 2.02
N GLU B 13 4.76 -6.41 1.82
CA GLU B 13 3.63 -5.95 2.61
C GLU B 13 3.22 -7.12 3.52
N ILE B 14 3.38 -6.91 4.82
CA ILE B 14 3.13 -7.94 5.83
C ILE B 14 1.95 -7.56 6.70
N ILE B 15 0.84 -8.28 6.51
CA ILE B 15 -0.37 -7.99 7.25
C ILE B 15 -0.60 -9.02 8.33
N LEU B 16 -0.73 -8.54 9.56
CA LEU B 16 -0.89 -9.41 10.71
C LEU B 16 -1.54 -8.65 11.85
N GLU B 17 -1.86 -9.36 12.91
CA GLU B 17 -2.44 -8.74 14.10
C GLU B 17 -1.42 -7.87 14.83
N GLY B 18 -1.86 -6.73 15.34
CA GLY B 18 -0.99 -5.81 16.05
C GLY B 18 -0.30 -6.42 17.25
N ALA B 19 -0.91 -7.44 17.85
CA ALA B 19 -0.32 -8.10 19.01
C ALA B 19 1.05 -8.72 18.71
N HIS B 20 1.31 -9.04 17.44
CA HIS B 20 2.59 -9.69 17.12
C HIS B 20 3.55 -8.75 16.41
N LYS B 21 3.33 -7.45 16.54
CA LYS B 21 4.16 -6.46 15.86
C LYS B 21 5.63 -6.57 16.25
N GLU B 22 5.90 -6.73 17.54
CA GLU B 22 7.28 -6.80 18.00
C GLU B 22 7.97 -8.04 17.43
N PHE B 23 7.27 -9.16 17.36
CA PHE B 23 7.85 -10.35 16.73
C PHE B 23 8.28 -10.05 15.30
N ALA B 24 7.41 -9.40 14.56
CA ALA B 24 7.69 -9.10 13.17
C ALA B 24 8.87 -8.11 13.03
N THR B 25 8.86 -7.03 13.81
CA THR B 25 9.90 -6.01 13.67
C THR B 25 11.25 -6.51 14.16
N ASP B 26 11.24 -7.37 15.18
CA ASP B 26 12.47 -8.03 15.61
C ASP B 26 13.07 -8.86 14.47
N LEU B 27 12.22 -9.63 13.80
CA LEU B 27 12.66 -10.46 12.68
C LEU B 27 13.26 -9.58 11.57
N LEU B 28 12.57 -8.50 11.22
CA LEU B 28 13.07 -7.59 10.18
C LEU B 28 14.43 -7.02 10.59
N ASP B 29 14.53 -6.55 11.83
CA ASP B 29 15.77 -6.01 12.35
C ASP B 29 16.90 -7.05 12.36
N ARG B 30 16.61 -8.23 12.86
CA ARG B 30 17.61 -9.29 12.97
C ARG B 30 18.17 -9.68 11.60
N ALA B 31 17.31 -9.71 10.59
CA ALA B 31 17.71 -10.09 9.23
C ALA B 31 18.49 -9.00 8.50
N GLY B 32 18.54 -7.80 9.07
CA GLY B 32 19.32 -6.71 8.51
C GLY B 32 18.56 -5.79 7.57
N VAL B 33 17.22 -5.81 7.69
CA VAL B 33 16.38 -4.89 6.96
C VAL B 33 16.61 -3.47 7.49
N LYS B 34 16.86 -2.53 6.59
CA LYS B 34 17.35 -1.21 6.99
C LYS B 34 16.25 -0.20 7.41
N GLY B 35 14.99 -0.57 7.21
CA GLY B 35 13.91 0.28 7.66
C GLY B 35 12.55 -0.38 7.44
N TYR B 36 11.51 0.17 8.05
CA TYR B 36 10.15 -0.30 7.79
C TYR B 36 9.14 0.74 8.19
N THR B 37 7.96 0.63 7.59
CA THR B 37 6.85 1.56 7.82
C THR B 37 5.58 0.73 8.17
N ILE B 38 4.86 1.15 9.20
CA ILE B 38 3.70 0.42 9.64
C ILE B 38 2.41 1.21 9.48
N VAL B 39 1.46 0.63 8.75
CA VAL B 39 0.13 1.23 8.56
C VAL B 39 -0.82 0.64 9.60
N GLY B 40 -1.36 1.49 10.47
CA GLY B 40 -2.23 1.03 11.52
C GLY B 40 -3.73 1.14 11.29
N ASN B 41 -4.51 0.69 12.26
CA ASN B 41 -5.97 0.81 12.25
C ASN B 41 -6.59 0.21 10.99
N LEU B 42 -6.26 -1.04 10.71
CA LEU B 42 -6.78 -1.67 9.51
C LEU B 42 -7.87 -2.63 9.90
N SER B 43 -8.86 -2.79 9.02
CA SER B 43 -9.82 -3.86 9.15
C SER B 43 -9.69 -4.74 7.91
N GLY B 44 -10.41 -5.85 7.87
CA GLY B 44 -10.27 -6.74 6.75
C GLY B 44 -11.14 -7.97 6.88
N LYS B 45 -11.10 -8.79 5.83
CA LYS B 45 -11.79 -10.08 5.80
C LYS B 45 -10.77 -11.19 5.65
N GLY B 46 -10.81 -12.19 6.52
CA GLY B 46 -9.86 -13.29 6.38
C GLY B 46 -10.46 -14.64 6.02
N SER B 47 -9.61 -15.67 5.99
CA SER B 47 -9.98 -17.04 5.63
C SER B 47 -11.05 -17.64 6.53
N HIS B 48 -11.12 -17.17 7.77
CA HIS B 48 -11.99 -17.80 8.76
C HIS B 48 -12.99 -16.82 9.36
N GLY B 49 -12.62 -15.55 9.41
CA GLY B 49 -13.47 -14.54 10.02
C GLY B 49 -13.42 -13.15 9.43
N MET B 50 -14.24 -12.26 9.99
CA MET B 50 -14.22 -10.86 9.62
C MET B 50 -13.46 -10.13 10.71
N TYR B 51 -12.61 -9.20 10.29
CA TYR B 51 -11.96 -8.33 11.24
C TYR B 51 -12.58 -6.96 11.02
N GLU B 52 -13.59 -6.69 11.83
CA GLU B 52 -14.42 -5.51 11.75
C GLU B 52 -13.71 -4.41 12.52
N GLY B 53 -13.48 -3.27 11.87
CA GLY B 53 -12.78 -2.18 12.53
C GLY B 53 -13.52 -1.59 13.71
N HIS B 54 -14.84 -1.47 13.62
CA HIS B 54 -15.60 -0.88 14.73
C HIS B 54 -15.57 -1.80 15.95
N LEU B 55 -15.32 -3.09 15.71
CA LEU B 55 -15.26 -4.08 16.78
C LEU B 55 -13.85 -4.24 17.34
N MET B 56 -12.93 -3.39 16.87
CA MET B 56 -11.55 -3.42 17.36
C MET B 56 -11.35 -2.26 18.31
N PHE B 57 -10.81 -2.55 19.49
CA PHE B 57 -10.68 -1.54 20.53
C PHE B 57 -9.27 -1.52 21.12
N ASN B 58 -8.65 -2.69 21.20
CA ASN B 58 -7.26 -2.81 21.65
C ASN B 58 -6.28 -2.76 20.48
N GLU B 59 -5.05 -2.39 20.77
CA GLU B 59 -4.00 -2.34 19.74
C GLU B 59 -3.56 -3.76 19.37
N ASP B 60 -3.74 -4.69 20.30
CA ASP B 60 -3.38 -6.09 20.08
C ASP B 60 -4.33 -6.75 19.07
N ASP B 61 -5.59 -6.35 19.13
CA ASP B 61 -6.65 -6.93 18.30
C ASP B 61 -6.73 -6.32 16.89
N ALA B 62 -6.07 -5.19 16.70
CA ALA B 62 -6.13 -4.49 15.44
C ALA B 62 -5.16 -5.09 14.44
N LEU B 63 -5.42 -4.89 13.16
CA LEU B 63 -4.53 -5.33 12.12
C LEU B 63 -3.61 -4.21 11.70
N ILE B 64 -2.37 -4.57 11.36
CA ILE B 64 -1.42 -3.61 10.85
C ILE B 64 -0.85 -4.15 9.55
N MET B 65 -0.28 -3.25 8.76
CA MET B 65 0.47 -3.66 7.59
C MET B 65 1.87 -3.09 7.70
N ILE B 66 2.86 -3.97 7.69
CA ILE B 66 4.26 -3.53 7.76
C ILE B 66 4.82 -3.54 6.35
N ILE B 67 5.29 -2.37 5.93
CA ILE B 67 5.88 -2.20 4.61
C ILE B 67 7.40 -2.20 4.78
N ALA B 68 8.07 -3.11 4.10
CA ALA B 68 9.52 -3.23 4.22
C ALA B 68 10.15 -3.35 2.85
N ALA B 69 10.93 -2.35 2.46
CA ALA B 69 11.66 -2.42 1.20
C ALA B 69 12.98 -3.12 1.45
N VAL B 70 13.24 -4.22 0.74
CA VAL B 70 14.43 -5.03 1.02
C VAL B 70 15.15 -5.52 -0.25
N PRO B 71 16.48 -5.68 -0.18
CA PRO B 71 17.22 -6.26 -1.30
C PRO B 71 16.73 -7.67 -1.58
N GLU B 72 16.81 -8.08 -2.83
CA GLU B 72 16.27 -9.36 -3.25
C GLU B 72 16.86 -10.51 -2.41
N GLU B 73 18.17 -10.46 -2.15
CA GLU B 73 18.85 -11.57 -1.46
C GLU B 73 18.32 -11.79 -0.05
N LEU B 74 17.65 -10.79 0.53
CA LEU B 74 17.11 -10.88 1.88
C LEU B 74 15.72 -11.50 1.92
N VAL B 75 15.03 -11.52 0.79
CA VAL B 75 13.65 -12.00 0.76
C VAL B 75 13.50 -13.46 1.21
N GLY B 76 14.32 -14.35 0.66
CA GLY B 76 14.23 -15.77 0.98
C GLY B 76 14.29 -16.07 2.47
N PRO B 77 15.38 -15.62 3.12
CA PRO B 77 15.56 -15.79 4.56
C PRO B 77 14.45 -15.15 5.38
N LEU B 78 13.96 -13.99 4.96
CA LEU B 78 12.85 -13.35 5.66
C LEU B 78 11.57 -14.20 5.61
N LEU B 79 11.22 -14.67 4.42
CA LEU B 79 10.02 -15.49 4.29
C LEU B 79 10.20 -16.78 5.10
N GLU B 80 11.42 -17.32 5.14
CA GLU B 80 11.67 -18.51 5.95
C GLU B 80 11.42 -18.23 7.45
N GLY B 81 11.86 -17.05 7.90
CA GLY B 81 11.61 -16.65 9.28
C GLY B 81 10.12 -16.47 9.58
N PHE B 82 9.38 -15.94 8.62
CA PHE B 82 7.95 -15.74 8.83
C PHE B 82 7.14 -17.03 8.62
N GLN B 83 7.77 -18.05 8.01
CA GLN B 83 7.01 -19.26 7.65
C GLN B 83 6.37 -19.96 8.86
N PRO B 84 7.16 -20.25 9.92
CA PRO B 84 6.53 -20.88 11.09
C PRO B 84 5.45 -19.99 11.74
N PHE B 85 5.63 -18.67 11.70
CA PHE B 85 4.66 -17.74 12.30
C PHE B 85 3.30 -17.85 11.65
N PHE B 86 3.26 -17.75 10.32
CA PHE B 86 1.99 -17.78 9.60
C PHE B 86 1.39 -19.18 9.48
N GLU B 87 2.13 -20.21 9.88
CA GLU B 87 1.53 -21.53 9.98
C GLU B 87 0.53 -21.58 11.12
N ALA B 88 0.83 -20.82 12.16
CA ALA B 88 0.04 -20.82 13.39
C ALA B 88 -0.78 -19.56 13.54
N HIS B 89 -0.44 -18.50 12.81
CA HIS B 89 -1.10 -17.23 13.05
C HIS B 89 -1.68 -16.59 11.80
N SER B 90 -2.63 -15.69 12.00
CA SER B 90 -3.32 -15.01 10.90
C SER B 90 -2.48 -13.94 10.20
N GLY B 91 -2.82 -13.68 8.94
CA GLY B 91 -2.14 -12.67 8.15
C GLY B 91 -1.55 -13.18 6.83
N VAL B 92 -1.01 -12.26 6.04
CA VAL B 92 -0.50 -12.56 4.72
C VAL B 92 0.76 -11.73 4.39
N VAL B 93 1.54 -12.20 3.43
CA VAL B 93 2.71 -11.49 2.95
C VAL B 93 2.62 -11.30 1.43
N PHE B 94 2.74 -10.06 0.95
CA PHE B 94 2.75 -9.79 -0.48
C PHE B 94 4.15 -9.34 -0.91
N VAL B 95 4.73 -10.02 -1.88
CA VAL B 95 6.04 -9.62 -2.37
C VAL B 95 5.93 -8.81 -3.68
N HIS B 96 6.42 -7.56 -3.66
CA HIS B 96 6.38 -6.72 -4.86
C HIS B 96 7.76 -6.53 -5.45
N ASP B 97 7.80 -6.32 -6.76
CA ASP B 97 8.95 -5.71 -7.41
C ASP B 97 8.81 -4.19 -7.35
N ILE B 98 9.85 -3.50 -6.89
CA ILE B 98 9.87 -2.04 -6.96
C ILE B 98 11.22 -1.55 -7.45
N GLN B 99 11.31 -0.24 -7.70
CA GLN B 99 12.57 0.41 -7.98
C GLN B 99 12.78 1.57 -7.03
N VAL B 100 14.06 1.81 -6.72
CA VAL B 100 14.48 2.90 -5.86
C VAL B 100 15.66 3.66 -6.45
N GLY B 101 15.95 4.84 -5.89
CA GLY B 101 17.07 5.65 -6.36
C GLY B 101 18.36 5.51 -5.55
N ARG B 102 18.27 5.13 -4.29
CA ARG B 102 19.47 5.09 -3.45
C ARG B 102 19.61 3.68 -2.89
N PRO B 103 20.13 2.76 -3.72
CA PRO B 103 20.31 1.35 -3.38
C PRO B 103 21.09 1.18 -2.10
N ILE B 104 22.05 2.08 -1.83
CA ILE B 104 22.88 1.96 -0.62
C ILE B 104 22.07 2.21 0.66
N LYS B 105 21.00 2.98 0.54
CA LYS B 105 20.13 3.26 1.67
C LYS B 105 19.40 2.00 2.17
N PHE B 106 19.30 0.99 1.33
CA PHE B 106 18.52 -0.21 1.65
C PHE B 106 19.37 -1.47 1.91
N ARG B 107 20.68 -1.31 2.06
CA ARG B 107 21.60 -2.42 2.36
C ARG B 107 22.55 -2.16 3.53
N ASN C 2 -16.67 -9.41 -22.60
CA ASN C 2 -15.77 -8.50 -23.31
C ASN C 2 -14.35 -8.53 -22.76
N ALA C 3 -13.41 -8.08 -23.57
CA ALA C 3 -12.04 -7.91 -23.12
C ALA C 3 -11.93 -6.58 -22.37
N ILE C 4 -11.40 -6.61 -21.15
CA ILE C 4 -11.22 -5.38 -20.41
C ILE C 4 -9.75 -5.01 -20.51
N LYS C 5 -9.47 -3.99 -21.32
CA LYS C 5 -8.09 -3.66 -21.64
C LYS C 5 -7.38 -2.98 -20.47
N LEU C 6 -6.13 -3.36 -20.24
CA LEU C 6 -5.34 -2.75 -19.19
C LEU C 6 -4.12 -2.04 -19.77
N TYR C 7 -3.71 -0.95 -19.12
CA TYR C 7 -2.60 -0.10 -19.58
C TYR C 7 -1.56 0.13 -18.48
N PRO C 8 -0.29 0.25 -18.88
CA PRO C 8 0.85 0.43 -17.96
C PRO C 8 0.93 1.83 -17.37
N LEU C 9 1.24 1.88 -16.10
CA LEU C 9 1.40 3.13 -15.41
C LEU C 9 2.43 2.87 -14.31
N LYS C 10 2.88 3.91 -13.63
CA LYS C 10 3.73 3.73 -12.46
C LYS C 10 2.95 4.16 -11.23
N LYS C 11 3.31 3.61 -10.08
CA LYS C 11 2.72 4.08 -8.84
C LYS C 11 3.86 4.44 -7.88
N LEU C 12 3.85 5.69 -7.42
CA LEU C 12 4.85 6.15 -6.46
C LEU C 12 4.29 6.05 -5.05
N GLU C 13 5.08 5.48 -4.14
CA GLU C 13 4.80 5.57 -2.71
C GLU C 13 5.87 6.45 -2.07
N ILE C 14 5.44 7.58 -1.49
CA ILE C 14 6.36 8.57 -0.95
C ILE C 14 6.19 8.68 0.55
N ILE C 15 7.18 8.21 1.31
CA ILE C 15 7.07 8.24 2.75
C ILE C 15 7.95 9.38 3.34
N LEU C 16 7.32 10.28 4.10
CA LEU C 16 8.03 11.43 4.65
C LEU C 16 7.23 12.07 5.80
N GLU C 17 7.84 13.01 6.53
CA GLU C 17 7.15 13.68 7.65
C GLU C 17 6.01 14.56 7.15
N GLY C 18 4.87 14.52 7.87
CA GLY C 18 3.68 15.27 7.48
C GLY C 18 3.92 16.77 7.37
N ALA C 19 4.91 17.27 8.09
CA ALA C 19 5.27 18.69 8.06
C ALA C 19 5.64 19.16 6.65
N HIS C 20 6.04 18.23 5.79
CA HIS C 20 6.44 18.56 4.43
C HIS C 20 5.42 18.13 3.41
N LYS C 21 4.18 17.93 3.85
CA LYS C 21 3.14 17.50 2.93
C LYS C 21 2.91 18.51 1.80
N GLU C 22 2.86 19.80 2.14
CA GLU C 22 2.57 20.83 1.12
C GLU C 22 3.68 20.94 0.08
N PHE C 23 4.94 20.86 0.51
CA PHE C 23 6.05 20.84 -0.44
C PHE C 23 5.89 19.68 -1.44
N ALA C 24 5.51 18.51 -0.92
CA ALA C 24 5.37 17.31 -1.72
C ALA C 24 4.22 17.40 -2.70
N THR C 25 3.05 17.82 -2.22
CA THR C 25 1.88 17.85 -3.07
C THR C 25 2.02 19.02 -4.07
N ASP C 26 2.72 20.09 -3.66
CA ASP C 26 3.03 21.20 -4.58
C ASP C 26 3.85 20.67 -5.75
N LEU C 27 4.87 19.89 -5.43
CA LEU C 27 5.74 19.30 -6.44
C LEU C 27 4.94 18.38 -7.37
N LEU C 28 4.06 17.57 -6.79
CA LEU C 28 3.24 16.66 -7.60
C LEU C 28 2.34 17.46 -8.55
N ASP C 29 1.68 18.48 -8.02
CA ASP C 29 0.81 19.34 -8.84
C ASP C 29 1.62 20.03 -9.97
N ARG C 30 2.79 20.55 -9.63
CA ARG C 30 3.65 21.26 -10.59
C ARG C 30 4.08 20.35 -11.75
N ALA C 31 4.33 19.07 -11.43
CA ALA C 31 4.74 18.06 -12.42
C ALA C 31 3.58 17.53 -13.29
N GLY C 32 2.33 17.82 -12.93
CA GLY C 32 1.19 17.42 -13.71
C GLY C 32 0.53 16.09 -13.31
N VAL C 33 0.79 15.67 -12.08
CA VAL C 33 0.12 14.51 -11.50
C VAL C 33 -1.39 14.81 -11.32
N LYS C 34 -2.26 13.94 -11.82
CA LYS C 34 -3.68 14.27 -11.87
C LYS C 34 -4.44 13.92 -10.58
N GLY C 35 -3.79 13.21 -9.66
CA GLY C 35 -4.39 12.90 -8.38
C GLY C 35 -3.40 12.25 -7.44
N TYR C 36 -3.75 12.20 -6.15
CA TYR C 36 -2.92 11.51 -5.17
C TYR C 36 -3.72 11.19 -3.91
N THR C 37 -3.22 10.22 -3.15
CA THR C 37 -3.87 9.70 -1.94
C THR C 37 -2.87 9.73 -0.78
N ILE C 38 -3.33 10.18 0.39
CA ILE C 38 -2.42 10.28 1.51
C ILE C 38 -2.86 9.38 2.63
N VAL C 39 -1.95 8.50 3.06
CA VAL C 39 -2.16 7.62 4.21
C VAL C 39 -1.48 8.21 5.44
N GLY C 40 -2.24 8.59 6.47
CA GLY C 40 -1.64 9.24 7.62
C GLY C 40 -1.44 8.35 8.83
N ASN C 41 -0.85 8.91 9.87
CA ASN C 41 -0.66 8.25 11.15
C ASN C 41 0.11 6.92 11.00
N LEU C 42 1.32 7.02 10.48
CA LEU C 42 2.15 5.87 10.27
C LEU C 42 3.15 5.74 11.40
N SER C 43 3.66 4.53 11.57
CA SER C 43 4.82 4.36 12.41
C SER C 43 5.95 3.96 11.50
N GLY C 44 7.17 3.98 12.01
CA GLY C 44 8.28 3.52 11.21
C GLY C 44 9.61 3.62 11.90
N LYS C 45 10.57 2.88 11.37
CA LYS C 45 11.92 2.92 11.89
C LYS C 45 12.83 3.19 10.71
N GLY C 46 13.70 4.18 10.84
CA GLY C 46 14.69 4.50 9.82
C GLY C 46 16.11 4.28 10.33
N SER C 47 17.07 4.76 9.56
CA SER C 47 18.47 4.67 9.93
C SER C 47 18.79 5.43 11.24
N HIS C 48 17.99 6.43 11.57
CA HIS C 48 18.32 7.27 12.72
C HIS C 48 17.20 7.43 13.75
N GLY C 49 15.93 7.44 13.31
CA GLY C 49 14.89 7.69 14.28
C GLY C 49 13.65 6.82 14.19
N MET C 50 12.81 6.96 15.20
CA MET C 50 11.54 6.25 15.31
C MET C 50 10.36 7.18 15.12
N TYR C 51 9.36 6.73 14.37
CA TYR C 51 8.08 7.43 14.29
C TYR C 51 6.98 6.60 14.91
N GLU C 52 6.49 7.01 16.07
CA GLU C 52 5.38 6.28 16.70
C GLU C 52 4.04 6.83 16.23
N GLY C 53 3.24 5.99 15.58
CA GLY C 53 1.92 6.39 15.15
C GLY C 53 1.05 6.63 16.39
N HIS C 54 0.34 7.75 16.40
CA HIS C 54 -0.52 8.09 17.53
C HIS C 54 -1.71 7.12 17.64
N LEU C 55 -2.10 6.78 18.87
CA LEU C 55 -3.21 5.85 19.06
C LEU C 55 -4.59 6.51 19.17
N MET C 56 -4.64 7.84 19.23
CA MET C 56 -5.91 8.55 19.35
C MET C 56 -6.29 9.44 18.13
N PHE C 57 -5.36 10.28 17.69
CA PHE C 57 -5.64 11.22 16.60
C PHE C 57 -4.51 11.39 15.57
N ASN C 58 -4.74 12.24 14.57
CA ASN C 58 -3.70 12.61 13.61
C ASN C 58 -2.99 13.88 14.10
N GLU C 59 -1.84 13.71 14.76
CA GLU C 59 -1.03 14.82 15.23
C GLU C 59 -0.26 15.48 14.07
N ASP C 60 0.32 16.65 14.35
CA ASP C 60 1.07 17.41 13.34
C ASP C 60 2.41 16.79 12.98
N ASP C 61 3.14 16.25 13.96
CA ASP C 61 4.45 15.63 13.69
C ASP C 61 4.33 14.18 13.29
N ALA C 62 3.42 13.91 12.37
CA ALA C 62 3.18 12.56 11.93
C ALA C 62 4.10 12.14 10.78
N LEU C 63 4.13 10.85 10.57
CA LEU C 63 4.73 10.28 9.38
C LEU C 63 3.56 9.98 8.44
N ILE C 64 3.71 10.30 7.16
CA ILE C 64 2.66 10.01 6.18
C ILE C 64 3.22 9.33 4.95
N MET C 65 2.33 8.71 4.17
CA MET C 65 2.69 8.18 2.86
C MET C 65 1.77 8.74 1.75
N ILE C 66 2.38 9.32 0.73
CA ILE C 66 1.65 9.84 -0.41
C ILE C 66 1.73 8.87 -1.58
N ILE C 67 0.56 8.39 -2.01
CA ILE C 67 0.46 7.44 -3.13
C ILE C 67 0.05 8.18 -4.38
N ALA C 68 0.86 8.09 -5.43
CA ALA C 68 0.56 8.83 -6.65
C ALA C 68 0.76 7.98 -7.89
N ALA C 69 -0.32 7.73 -8.61
CA ALA C 69 -0.23 7.02 -9.88
C ALA C 69 0.06 7.99 -11.01
N VAL C 70 1.14 7.76 -11.75
CA VAL C 70 1.58 8.71 -12.76
C VAL C 70 2.08 8.02 -14.02
N PRO C 71 1.90 8.68 -15.18
CA PRO C 71 2.45 8.14 -16.43
C PRO C 71 3.97 8.02 -16.40
N GLU C 72 4.48 7.07 -17.19
CA GLU C 72 5.90 6.79 -17.22
C GLU C 72 6.73 8.04 -17.43
N GLU C 73 6.28 8.91 -18.32
CA GLU C 73 7.03 10.09 -18.67
C GLU C 73 7.23 11.03 -17.49
N LEU C 74 6.40 10.92 -16.45
CA LEU C 74 6.52 11.82 -15.29
C LEU C 74 7.49 11.34 -14.22
N VAL C 75 7.79 10.05 -14.20
CA VAL C 75 8.61 9.50 -13.12
C VAL C 75 9.99 10.18 -13.02
N GLY C 76 10.70 10.27 -14.14
CA GLY C 76 12.03 10.86 -14.16
C GLY C 76 12.08 12.25 -13.56
N PRO C 77 11.26 13.17 -14.09
CA PRO C 77 11.18 14.55 -13.60
C PRO C 77 10.75 14.64 -12.12
N LEU C 78 9.82 13.80 -11.70
CA LEU C 78 9.42 13.80 -10.28
C LEU C 78 10.56 13.42 -9.35
N LEU C 79 11.28 12.35 -9.68
CA LEU C 79 12.40 11.93 -8.85
C LEU C 79 13.50 12.99 -8.79
N GLU C 80 13.75 13.69 -9.90
CA GLU C 80 14.72 14.77 -9.88
C GLU C 80 14.23 15.89 -8.95
N GLY C 81 12.93 16.15 -8.99
CA GLY C 81 12.30 17.14 -8.14
C GLY C 81 12.41 16.76 -6.67
N PHE C 82 12.26 15.46 -6.39
CA PHE C 82 12.33 14.96 -5.02
C PHE C 82 13.76 14.70 -4.57
N GLN C 83 14.69 14.71 -5.51
CA GLN C 83 16.07 14.39 -5.18
C GLN C 83 16.65 15.36 -4.14
N PRO C 84 16.52 16.68 -4.37
CA PRO C 84 17.07 17.58 -3.36
C PRO C 84 16.35 17.42 -2.02
N PHE C 85 15.06 17.10 -2.06
CA PHE C 85 14.30 16.96 -0.82
C PHE C 85 14.82 15.82 0.04
N PHE C 86 14.94 14.61 -0.51
CA PHE C 86 15.36 13.45 0.30
C PHE C 86 16.86 13.45 0.52
N GLU C 87 17.54 14.32 -0.20
CA GLU C 87 18.94 14.61 0.05
C GLU C 87 19.05 15.46 1.33
N ALA C 88 17.96 16.15 1.66
CA ALA C 88 17.89 17.03 2.81
C ALA C 88 17.03 16.50 3.97
N HIS C 89 16.08 15.61 3.66
CA HIS C 89 15.08 15.14 4.64
C HIS C 89 14.92 13.64 4.73
N SER C 90 14.27 13.20 5.81
CA SER C 90 14.01 11.78 6.07
C SER C 90 12.97 11.21 5.11
N GLY C 91 13.04 9.91 4.84
CA GLY C 91 12.03 9.29 4.00
C GLY C 91 12.51 8.60 2.73
N VAL C 92 11.58 7.95 2.05
CA VAL C 92 11.89 7.12 0.89
C VAL C 92 10.82 7.23 -0.22
N VAL C 93 11.24 6.89 -1.43
CA VAL C 93 10.33 6.78 -2.56
C VAL C 93 10.42 5.37 -3.19
N PHE C 94 9.26 4.72 -3.31
CA PHE C 94 9.15 3.43 -3.97
C PHE C 94 8.44 3.59 -5.32
N VAL C 95 9.10 3.15 -6.38
CA VAL C 95 8.48 3.15 -7.69
C VAL C 95 7.95 1.75 -8.04
N HIS C 96 6.64 1.64 -8.32
CA HIS C 96 6.00 0.37 -8.76
C HIS C 96 5.58 0.46 -10.23
N ASP C 97 5.59 -0.69 -10.92
CA ASP C 97 4.87 -0.86 -12.19
C ASP C 97 3.46 -1.33 -11.87
N ILE C 98 2.45 -0.65 -12.41
CA ILE C 98 1.06 -1.10 -12.27
C ILE C 98 0.29 -1.08 -13.59
N GLN C 99 -0.94 -1.57 -13.57
CA GLN C 99 -1.81 -1.44 -14.73
C GLN C 99 -3.09 -0.75 -14.29
N VAL C 100 -3.67 0.03 -15.20
CA VAL C 100 -4.91 0.75 -14.95
C VAL C 100 -5.87 0.55 -16.11
N GLY C 101 -7.15 0.85 -15.92
CA GLY C 101 -8.11 0.66 -17.00
C GLY C 101 -8.34 1.91 -17.81
N ARG C 102 -8.07 3.07 -17.22
CA ARG C 102 -8.39 4.35 -17.87
C ARG C 102 -7.18 5.31 -17.96
N PRO C 103 -6.37 5.16 -19.01
CA PRO C 103 -5.17 5.99 -19.16
C PRO C 103 -5.45 7.50 -19.08
N ILE C 104 -6.60 7.92 -19.60
CA ILE C 104 -6.96 9.34 -19.67
C ILE C 104 -7.19 9.94 -18.29
N LYS C 105 -7.57 9.11 -17.32
CA LYS C 105 -7.81 9.59 -15.97
C LYS C 105 -6.50 10.04 -15.30
N PHE C 106 -5.37 9.58 -15.83
CA PHE C 106 -4.08 9.83 -15.18
C PHE C 106 -3.19 10.79 -15.95
N ARG C 107 -3.76 11.46 -16.96
CA ARG C 107 -3.02 12.44 -17.76
C ARG C 107 -3.77 13.76 -17.92
PB ADP D . -13.14 13.62 -8.36
O1B ADP D . -12.70 14.65 -7.36
O2B ADP D . -14.60 13.26 -8.31
O3B ADP D . -12.64 13.87 -9.77
PA ADP D . -11.42 11.28 -8.60
O1A ADP D . -10.65 12.01 -9.66
O2A ADP D . -12.18 10.02 -8.97
O3A ADP D . -12.41 12.28 -7.80
O5' ADP D . -10.40 10.82 -7.44
C5' ADP D . -10.93 10.22 -6.26
C4' ADP D . -9.83 9.87 -5.27
O4' ADP D . -9.04 8.82 -5.82
C3' ADP D . -8.84 11.01 -5.02
O3' ADP D . -9.24 11.83 -3.94
C2' ADP D . -7.55 10.27 -4.71
O2' ADP D . -7.53 9.92 -3.34
C1' ADP D . -7.66 9.00 -5.52
N9 ADP D . -6.91 9.25 -6.76
C8 ADP D . -7.36 9.82 -7.90
N7 ADP D . -6.38 9.92 -8.82
C5 ADP D . -5.26 9.40 -8.25
C6 ADP D . -3.86 9.19 -8.66
N6 ADP D . -3.41 9.55 -9.90
N1 ADP D . -3.02 8.62 -7.76
C2 ADP D . -3.44 8.25 -6.52
N3 ADP D . -4.69 8.42 -6.07
C4 ADP D . -5.62 8.98 -6.90
C BCT E . 1.58 -15.67 1.50
O1 BCT E . 2.31 -15.02 0.75
O2 BCT E . 1.24 -16.86 1.59
O3 BCT E . 1.02 -14.83 2.51
HO3 BCT E . 0.34 -14.40 2.22
PB ADP F . -8.14 -15.84 9.67
O1B ADP F . -7.61 -15.74 11.08
O2B ADP F . -7.68 -17.04 8.88
O3B ADP F . -9.60 -15.49 9.57
PA ADP F . -6.57 -14.72 7.55
O1A ADP F . -5.12 -15.07 7.84
O2A ADP F . -7.32 -15.48 6.50
O3A ADP F . -7.44 -14.62 8.91
O5' ADP F . -6.58 -13.17 7.12
C5' ADP F . -6.17 -12.17 8.06
C4' ADP F . -6.14 -10.79 7.40
O4' ADP F . -5.16 -10.73 6.36
C3' ADP F . -7.45 -10.39 6.75
O3' ADP F . -8.33 -9.80 7.69
C2' ADP F . -6.96 -9.40 5.71
O2' ADP F . -6.76 -8.15 6.35
C1' ADP F . -5.59 -9.92 5.29
N9 ADP F . -5.86 -10.74 4.07
C8 ADP F . -6.17 -12.05 4.02
N7 ADP F . -6.40 -12.45 2.74
C5 ADP F . -6.25 -11.36 1.96
C6 ADP F . -6.35 -11.06 0.52
N6 ADP F . -6.67 -12.04 -0.37
N1 ADP F . -6.13 -9.80 0.11
C2 ADP F . -5.84 -8.82 0.97
N3 ADP F . -5.73 -9.01 2.29
C4 ADP F . -5.92 -10.24 2.83
H8 ADP F . -6.20 -12.71 4.88
HN61 ADP F . -6.73 -11.82 -1.36
HN62 ADP F . -6.82 -12.98 -0.05
H2 ADP F . -5.68 -7.82 0.58
C BCT G . 14.82 6.05 -2.63
O1 BCT G . 16.00 6.27 -2.93
O2 BCT G . 14.12 6.29 -1.64
O3 BCT G . 14.04 5.53 -3.71
HO3 BCT G . 13.44 6.08 -3.94
C BCT H . 4.78 -17.57 4.05
O1 BCT H . 5.39 -17.18 3.05
O2 BCT H . 3.82 -17.16 4.65
O3 BCT H . 5.05 -18.96 4.36
HO3 BCT H . 5.04 -19.43 3.66
C BCT I . 15.91 10.06 -4.92
O1 BCT I . 16.69 10.03 -3.96
O2 BCT I . 14.68 10.03 -5.00
O3 BCT I . 16.52 10.47 -6.15
HO3 BCT I . 17.04 11.13 -6.03
PB ADP J . 16.24 8.84 9.36
O1B ADP J . 15.80 10.15 9.97
O2B ADP J . 17.68 8.83 8.89
O3B ADP J . 15.81 7.64 10.17
PA ADP J . 15.17 7.39 7.08
O1A ADP J . 14.98 7.81 5.64
O2A ADP J . 16.24 6.35 7.39
O3A ADP J . 15.36 8.73 8.00
O5' ADP J . 13.75 6.90 7.63
C5' ADP J . 12.55 7.63 7.40
C4' ADP J . 11.33 6.72 7.42
O4' ADP J . 11.10 6.15 6.12
C3' ADP J . 11.43 5.50 8.33
O3' ADP J . 11.11 5.79 9.69
C2' ADP J . 10.46 4.51 7.69
O2' ADP J . 9.10 4.75 8.05
C1' ADP J . 10.56 4.83 6.22
N9 ADP J . 11.55 3.87 5.69
C8 ADP J . 12.89 4.05 5.67
N7 ADP J . 13.50 2.96 5.14
C5 ADP J . 12.55 2.07 4.83
C6 ADP J . 12.51 0.72 4.24
N6 ADP J . 13.65 0.10 3.87
N1 ADP J . 11.30 0.14 4.08
C2 ADP J . 10.16 0.73 4.45
N3 ADP J . 10.13 1.95 5.01
C4 ADP J . 11.26 2.66 5.21
H8 ADP J . 13.40 4.94 6.01
HN61 ADP J . 13.61 -0.83 3.47
HN62 ADP J . 14.54 0.56 3.98
H2 ADP J . 9.23 0.21 4.30
C BCT K . -8.48 2.67 -13.47
O1 BCT K . -8.79 3.14 -14.55
O2 BCT K . -7.68 1.83 -13.13
O3 BCT K . -8.83 3.52 -12.36
HO3 BCT K . -9.37 3.12 -11.83
C BCT L . -12.19 0.58 -15.20
O1 BCT L . -11.19 0.62 -14.48
O2 BCT L . -13.16 1.32 -15.34
O3 BCT L . -12.09 -0.36 -16.27
HO3 BCT L . -11.86 0.02 -17.00
C BCT M . 13.38 21.56 1.71
O1 BCT M . 13.89 21.65 2.83
O2 BCT M . 12.21 21.58 1.31
O3 BCT M . 14.30 21.27 0.63
HO3 BCT M . 15.09 21.50 0.84
#